data_6I9L
#
_entry.id   6I9L
#
_cell.length_a   49.591
_cell.length_b   64.809
_cell.length_c   77.914
_cell.angle_alpha   90.00
_cell.angle_beta   90.00
_cell.angle_gamma   90.00
#
_symmetry.space_group_name_H-M   'P 21 21 21'
#
loop_
_entity.id
_entity.type
_entity.pdbx_description
1 polymer 'JmjC domain-containing protein 5'
2 non-polymer 'MANGANESE (II) ION'
3 non-polymer 'PYRIDINE-2,4-DICARBOXYLIC ACID'
4 non-polymer 2-AMINO-2-HYDROXYMETHYL-PROPANE-1,3-DIOL
5 water water
#
_entity_poly.entity_id   1
_entity_poly.type   'polypeptide(L)'
_entity_poly.pdbx_seq_one_letter_code
;MHHHHHHSSGVDLGTENLYFQSTVPRLHRPSLQHFREQFLVPGRPVILKGVADHWPCMQKWSLEYIQEIAGCRTVPVEVG
SRYTDEEWSQTLMTVNEFISKYIVNEPRDVGYLAQHQLFDQIPELKQDISIPDYCSLGDGEEEEITINAWFGPQGTISPL
HQDPQQNFLVQVMGRKYIRLYSPQESGALYPHDTHLLHNTSQVDVENPDLEKFPKFAKAPFLSCILSPGEILFIPVKYWH
YVRALDLSFSVSFWWS
;
_entity_poly.pdbx_strand_id   A
#
# COMPACT_ATOMS: atom_id res chain seq x y z
N SER A 22 -18.12 -6.88 3.24
CA SER A 22 -18.56 -5.84 4.16
C SER A 22 -17.51 -4.73 4.25
N THR A 23 -17.64 -3.84 5.23
CA THR A 23 -16.79 -2.66 5.31
C THR A 23 -15.71 -2.83 6.39
N VAL A 24 -14.59 -2.17 6.18
CA VAL A 24 -13.54 -2.16 7.19
C VAL A 24 -13.92 -1.17 8.29
N PRO A 25 -13.89 -1.55 9.56
CA PRO A 25 -14.27 -0.59 10.59
C PRO A 25 -13.25 0.53 10.74
N ARG A 26 -13.75 1.71 11.09
CA ARG A 26 -12.92 2.89 11.35
C ARG A 26 -12.98 3.21 12.83
N LEU A 27 -11.82 3.32 13.46
CA LEU A 27 -11.72 3.62 14.89
C LEU A 27 -10.79 4.79 15.12
N HIS A 28 -11.21 5.70 16.00
CA HIS A 28 -10.40 6.87 16.34
C HIS A 28 -9.45 6.51 17.48
N ARG A 29 -8.16 6.54 17.20
CA ARG A 29 -7.08 6.42 18.17
C ARG A 29 -7.38 5.34 19.22
N PRO A 30 -7.60 4.11 18.80
CA PRO A 30 -7.87 3.08 19.80
C PRO A 30 -6.65 2.88 20.68
N SER A 31 -6.89 2.46 21.92
CA SER A 31 -5.77 2.17 22.80
C SER A 31 -4.92 1.03 22.25
N LEU A 32 -3.67 0.99 22.71
CA LEU A 32 -2.79 -0.13 22.35
C LEU A 32 -3.43 -1.46 22.70
N GLN A 33 -4.03 -1.56 23.90
CA GLN A 33 -4.61 -2.83 24.30
C GLN A 33 -5.83 -3.21 23.44
N HIS A 34 -6.70 -2.24 23.13
CA HIS A 34 -7.86 -2.51 22.32
C HIS A 34 -7.43 -2.95 20.93
N PHE A 35 -6.45 -2.26 20.35
CA PHE A 35 -5.96 -2.67 19.03
C PHE A 35 -5.35 -4.07 19.10
N ARG A 36 -4.53 -4.35 20.11
CA ARG A 36 -3.92 -5.66 20.26
C ARG A 36 -4.97 -6.76 20.35
N GLU A 37 -5.95 -6.57 21.24
CA GLU A 37 -6.86 -7.65 21.57
C GLU A 37 -7.93 -7.85 20.50
N GLN A 38 -8.41 -6.78 19.86
CA GLN A 38 -9.52 -6.89 18.94
CA GLN A 38 -9.52 -6.89 18.94
C GLN A 38 -9.10 -6.95 17.48
N PHE A 39 -7.84 -6.62 17.17
CA PHE A 39 -7.42 -6.59 15.76
C PHE A 39 -6.10 -7.32 15.50
N LEU A 40 -5.05 -7.00 16.25
CA LEU A 40 -3.75 -7.58 15.97
C LEU A 40 -3.73 -9.08 16.24
N VAL A 41 -4.12 -9.50 17.45
CA VAL A 41 -4.09 -10.92 17.77
C VAL A 41 -5.04 -11.74 16.90
N PRO A 42 -6.31 -11.35 16.73
CA PRO A 42 -7.20 -12.14 15.87
C PRO A 42 -6.91 -11.98 14.38
N GLY A 43 -6.15 -10.96 13.99
CA GLY A 43 -5.88 -10.76 12.58
C GLY A 43 -7.04 -10.19 11.78
N ARG A 44 -7.63 -9.11 12.27
CA ARG A 44 -8.78 -8.44 11.70
C ARG A 44 -8.40 -7.06 11.19
N PRO A 45 -8.73 -6.68 9.96
CA PRO A 45 -8.38 -5.34 9.49
C PRO A 45 -9.17 -4.25 10.19
N VAL A 46 -8.59 -3.06 10.20
CA VAL A 46 -9.22 -1.88 10.76
C VAL A 46 -8.55 -0.66 10.15
N ILE A 47 -9.29 0.43 10.04
CA ILE A 47 -8.76 1.74 9.68
C ILE A 47 -8.64 2.58 10.94
N LEU A 48 -7.43 3.11 11.18
CA LEU A 48 -7.10 3.94 12.33
C LEU A 48 -7.20 5.40 11.90
N LYS A 49 -8.08 6.14 12.58
CA LYS A 49 -8.33 7.56 12.36
C LYS A 49 -7.70 8.37 13.47
N GLY A 50 -7.31 9.61 13.15
CA GLY A 50 -6.76 10.46 14.20
C GLY A 50 -5.36 10.12 14.64
N VAL A 51 -4.63 9.29 13.88
CA VAL A 51 -3.31 8.85 14.25
C VAL A 51 -2.28 9.55 13.37
N ALA A 52 -2.42 9.40 12.06
CA ALA A 52 -1.49 10.00 11.12
C ALA A 52 -2.02 11.29 10.50
N ASP A 53 -3.22 11.74 10.89
CA ASP A 53 -3.85 12.80 10.11
C ASP A 53 -3.11 14.14 10.23
N HIS A 54 -2.26 14.31 11.23
CA HIS A 54 -1.50 15.54 11.39
CA HIS A 54 -1.50 15.52 11.41
C HIS A 54 0.00 15.32 11.22
N TRP A 55 0.42 14.18 10.68
CA TRP A 55 1.82 14.06 10.30
C TRP A 55 2.15 15.15 9.28
N PRO A 56 3.38 15.69 9.31
CA PRO A 56 3.71 16.79 8.39
C PRO A 56 3.48 16.45 6.93
N CYS A 57 3.69 15.18 6.56
CA CYS A 57 3.50 14.78 5.17
C CYS A 57 2.12 15.16 4.63
N MET A 58 1.10 15.13 5.49
CA MET A 58 -0.28 15.31 5.07
C MET A 58 -0.49 16.72 4.50
N GLN A 59 0.23 17.71 5.00
CA GLN A 59 0.11 19.04 4.40
C GLN A 59 1.29 19.34 3.47
N LYS A 60 2.45 18.74 3.71
CA LYS A 60 3.64 19.22 3.01
C LYS A 60 3.80 18.61 1.62
N TRP A 61 3.38 17.37 1.43
CA TRP A 61 3.77 16.64 0.23
C TRP A 61 2.86 16.99 -0.94
N SER A 62 3.17 18.11 -1.56
CA SER A 62 2.64 18.43 -2.88
C SER A 62 3.60 17.89 -3.92
N LEU A 63 3.14 17.82 -5.17
CA LEU A 63 4.05 17.47 -6.26
C LEU A 63 5.26 18.39 -6.26
N GLU A 64 5.04 19.69 -6.08
CA GLU A 64 6.16 20.62 -6.11
C GLU A 64 7.15 20.34 -4.99
N TYR A 65 6.65 19.99 -3.81
CA TYR A 65 7.54 19.68 -2.70
CA TYR A 65 7.55 19.69 -2.71
C TYR A 65 8.31 18.39 -2.98
N ILE A 66 7.64 17.38 -3.49
CA ILE A 66 8.32 16.13 -3.84
C ILE A 66 9.41 16.38 -4.87
N GLN A 67 9.14 17.22 -5.88
CA GLN A 67 10.16 17.56 -6.87
C GLN A 67 11.33 18.29 -6.23
N GLU A 68 11.03 19.23 -5.33
CA GLU A 68 12.10 20.01 -4.72
C GLU A 68 13.03 19.14 -3.88
N ILE A 69 12.48 18.19 -3.12
CA ILE A 69 13.29 17.42 -2.19
CA ILE A 69 13.28 17.43 -2.19
C ILE A 69 13.87 16.16 -2.83
N ALA A 70 13.20 15.60 -3.82
CA ALA A 70 13.56 14.30 -4.37
C ALA A 70 13.74 14.24 -5.88
N GLY A 71 13.51 15.34 -6.60
CA GLY A 71 13.40 15.30 -8.04
C GLY A 71 14.62 14.71 -8.74
N CYS A 72 15.81 14.96 -8.23
CA CYS A 72 17.01 14.51 -8.91
CA CYS A 72 17.03 14.53 -8.89
C CYS A 72 17.45 13.12 -8.54
N ARG A 73 16.75 12.44 -7.63
CA ARG A 73 17.14 11.12 -7.20
C ARG A 73 16.55 10.04 -8.11
N THR A 74 17.30 8.94 -8.23
CA THR A 74 16.88 7.83 -9.06
C THR A 74 15.93 6.94 -8.29
N VAL A 75 14.82 6.57 -8.92
CA VAL A 75 13.87 5.64 -8.34
C VAL A 75 13.51 4.53 -9.32
N PRO A 76 13.14 3.36 -8.78
CA PRO A 76 12.61 2.29 -9.62
C PRO A 76 11.15 2.54 -9.91
N VAL A 77 10.76 2.27 -11.15
CA VAL A 77 9.41 2.54 -11.64
C VAL A 77 8.90 1.29 -12.35
N GLU A 78 7.72 0.82 -11.93
CA GLU A 78 7.07 -0.28 -12.63
CA GLU A 78 7.05 -0.28 -12.62
C GLU A 78 6.18 0.28 -13.73
N VAL A 79 6.38 -0.21 -14.96
CA VAL A 79 5.65 0.27 -16.12
C VAL A 79 4.79 -0.87 -16.66
N GLY A 80 3.52 -0.58 -16.91
CA GLY A 80 2.62 -1.55 -17.49
C GLY A 80 1.62 -2.10 -16.48
N TRP A 88 4.55 -5.53 -18.63
CA TRP A 88 5.12 -5.22 -17.32
C TRP A 88 6.65 -5.22 -17.34
N SER A 89 7.24 -4.12 -16.88
CA SER A 89 8.69 -4.02 -16.81
C SER A 89 9.07 -3.10 -15.66
N GLN A 90 10.35 -3.14 -15.30
CA GLN A 90 10.92 -2.36 -14.22
C GLN A 90 12.05 -1.51 -14.78
N THR A 91 11.94 -0.21 -14.62
CA THR A 91 12.97 0.69 -15.14
C THR A 91 13.42 1.66 -14.04
N LEU A 92 14.35 2.54 -14.39
CA LEU A 92 14.96 3.50 -13.48
C LEU A 92 14.90 4.88 -14.11
N MET A 93 14.55 5.88 -13.30
CA MET A 93 14.57 7.25 -13.80
C MET A 93 14.57 8.17 -12.59
N THR A 94 14.77 9.46 -12.83
CA THR A 94 14.69 10.36 -11.71
C THR A 94 13.24 10.62 -11.33
N VAL A 95 13.04 11.09 -10.09
CA VAL A 95 11.69 11.45 -9.66
C VAL A 95 11.10 12.52 -10.58
N ASN A 96 11.91 13.49 -11.01
CA ASN A 96 11.43 14.52 -11.93
C ASN A 96 10.93 13.88 -13.23
N GLU A 97 11.69 12.91 -13.77
CA GLU A 97 11.28 12.23 -14.99
C GLU A 97 10.00 11.45 -14.77
N PHE A 98 9.90 10.80 -13.63
CA PHE A 98 8.71 10.03 -13.32
C PHE A 98 7.48 10.93 -13.30
N ILE A 99 7.59 12.08 -12.64
CA ILE A 99 6.44 12.97 -12.56
C ILE A 99 6.09 13.51 -13.94
N SER A 100 7.10 13.88 -14.72
CA SER A 100 6.84 14.46 -16.03
CA SER A 100 6.81 14.47 -16.03
C SER A 100 6.18 13.46 -16.97
N LYS A 101 6.67 12.22 -16.97
CA LYS A 101 6.24 11.24 -17.96
CA LYS A 101 6.25 11.22 -17.95
C LYS A 101 5.02 10.42 -17.52
N TYR A 102 4.83 10.21 -16.22
CA TYR A 102 3.77 9.32 -15.77
C TYR A 102 2.70 9.98 -14.91
N ILE A 103 2.85 11.25 -14.56
CA ILE A 103 1.88 11.94 -13.69
CA ILE A 103 1.86 11.92 -13.71
C ILE A 103 1.23 13.10 -14.43
N VAL A 104 2.04 14.04 -14.91
CA VAL A 104 1.47 15.30 -15.40
C VAL A 104 1.17 15.30 -16.90
N ASN A 105 2.01 14.70 -17.75
CA ASN A 105 1.95 14.97 -19.21
C ASN A 105 1.15 14.02 -20.09
N GLU A 106 -0.15 13.85 -19.75
CA GLU A 106 -1.08 12.92 -20.41
C GLU A 106 -0.33 11.62 -20.62
N PRO A 107 -0.05 10.87 -19.57
CA PRO A 107 0.85 9.72 -19.69
C PRO A 107 0.41 8.72 -20.76
N ARG A 108 1.40 8.18 -21.46
CA ARG A 108 1.12 7.15 -22.45
CA ARG A 108 1.16 7.13 -22.46
C ARG A 108 0.86 5.80 -21.79
N ASP A 109 1.67 5.41 -20.81
CA ASP A 109 1.44 4.18 -20.09
CA ASP A 109 1.62 4.16 -20.06
C ASP A 109 1.32 4.47 -18.59
N VAL A 110 0.95 3.43 -17.86
CA VAL A 110 0.84 3.50 -16.41
C VAL A 110 2.22 3.25 -15.83
N GLY A 111 2.69 4.16 -15.02
CA GLY A 111 3.94 4.01 -14.30
C GLY A 111 3.69 4.20 -12.82
N TYR A 112 4.39 3.42 -12.01
CA TYR A 112 4.16 3.38 -10.56
C TYR A 112 5.50 3.32 -9.84
N LEU A 113 5.76 4.32 -8.99
CA LEU A 113 6.92 4.30 -8.10
C LEU A 113 6.49 3.48 -6.90
N ALA A 114 6.64 2.17 -7.02
CA ALA A 114 6.07 1.20 -6.10
C ALA A 114 7.12 0.53 -5.23
N GLN A 115 6.75 0.27 -3.99
CA GLN A 115 7.52 -0.60 -3.10
C GLN A 115 8.98 -0.17 -3.02
N HIS A 116 9.21 1.12 -2.78
CA HIS A 116 10.56 1.66 -2.75
C HIS A 116 10.86 2.30 -1.40
N GLN A 117 12.03 2.00 -0.85
CA GLN A 117 12.43 2.54 0.46
C GLN A 117 13.00 3.95 0.29
N LEU A 118 12.09 4.86 -0.07
CA LEU A 118 12.43 6.23 -0.39
C LEU A 118 12.97 6.97 0.84
N PHE A 119 12.57 6.54 2.04
CA PHE A 119 12.89 7.30 3.24
C PHE A 119 14.28 6.95 3.76
N ASP A 120 14.76 5.76 3.43
CA ASP A 120 16.17 5.46 3.64
CA ASP A 120 16.17 5.44 3.63
C ASP A 120 17.03 6.22 2.64
N GLN A 121 16.55 6.34 1.40
CA GLN A 121 17.29 7.03 0.36
C GLN A 121 17.34 8.52 0.61
N ILE A 122 16.25 9.09 1.13
CA ILE A 122 16.11 10.53 1.30
C ILE A 122 15.71 10.79 2.75
N PRO A 123 16.66 10.78 3.68
CA PRO A 123 16.27 10.84 5.10
C PRO A 123 15.56 12.14 5.48
N GLU A 124 15.64 13.19 4.66
CA GLU A 124 14.91 14.39 5.00
C GLU A 124 13.40 14.15 4.96
N LEU A 125 12.94 13.33 4.01
CA LEU A 125 11.52 12.98 3.95
C LEU A 125 11.07 12.17 5.15
N LYS A 126 11.98 11.41 5.75
CA LYS A 126 11.63 10.65 6.93
CA LYS A 126 11.63 10.65 6.93
C LYS A 126 11.17 11.55 8.07
N GLN A 127 11.56 12.82 8.06
CA GLN A 127 11.12 13.75 9.10
CA GLN A 127 11.11 13.74 9.11
C GLN A 127 9.62 14.04 9.03
N ASP A 128 8.96 13.73 7.91
CA ASP A 128 7.56 14.08 7.71
C ASP A 128 6.60 12.94 8.06
N ILE A 129 7.12 11.81 8.53
CA ILE A 129 6.33 10.65 8.92
C ILE A 129 6.81 10.19 10.29
N SER A 130 6.10 9.22 10.86
CA SER A 130 6.47 8.61 12.13
CA SER A 130 6.59 8.58 12.08
C SER A 130 6.21 7.11 12.05
N ILE A 131 6.82 6.34 12.94
CA ILE A 131 6.49 4.94 13.12
CA ILE A 131 6.48 4.94 13.10
C ILE A 131 5.25 4.89 14.00
N PRO A 132 4.14 4.28 13.55
CA PRO A 132 2.97 4.19 14.44
C PRO A 132 3.30 3.53 15.77
N ASP A 133 2.76 4.12 16.84
CA ASP A 133 3.02 3.59 18.19
C ASP A 133 2.60 2.14 18.29
N TYR A 134 1.56 1.74 17.56
CA TYR A 134 1.06 0.37 17.62
C TYR A 134 2.12 -0.66 17.23
N CYS A 135 3.13 -0.28 16.43
CA CYS A 135 4.17 -1.22 16.03
C CYS A 135 4.92 -1.75 17.24
N SER A 136 4.91 -1.01 18.33
CA SER A 136 5.63 -1.50 19.51
C SER A 136 4.96 -2.74 20.12
N LEU A 137 3.76 -3.09 19.67
CA LEU A 137 3.12 -4.33 20.11
C LEU A 137 3.71 -5.56 19.45
N GLY A 138 4.56 -5.38 18.43
CA GLY A 138 5.14 -6.49 17.71
C GLY A 138 6.32 -7.10 18.44
N ASP A 139 6.82 -8.19 17.89
CA ASP A 139 7.99 -8.88 18.43
C ASP A 139 9.29 -8.45 17.78
N GLY A 140 9.24 -7.67 16.70
CA GLY A 140 10.44 -7.30 15.98
C GLY A 140 11.06 -6.02 16.49
N GLU A 141 12.27 -5.76 16.00
CA GLU A 141 12.99 -4.55 16.34
C GLU A 141 12.51 -3.41 15.44
N GLU A 142 12.42 -2.21 16.01
CA GLU A 142 12.01 -1.05 15.23
C GLU A 142 12.95 -0.83 14.05
N GLU A 143 14.25 -1.09 14.26
CA GLU A 143 15.22 -0.84 13.19
C GLU A 143 14.94 -1.71 11.97
N GLU A 144 14.18 -2.78 12.14
CA GLU A 144 13.92 -3.71 11.05
C GLU A 144 12.59 -3.44 10.35
N ILE A 145 11.82 -2.44 10.78
CA ILE A 145 10.58 -2.10 10.07
C ILE A 145 10.93 -1.60 8.68
N THR A 146 10.21 -2.08 7.68
CA THR A 146 10.47 -1.68 6.30
C THR A 146 9.44 -0.63 5.91
N ILE A 147 9.91 0.55 5.53
CA ILE A 147 9.04 1.66 5.15
C ILE A 147 9.14 1.85 3.65
N ASN A 148 8.02 1.66 2.94
CA ASN A 148 7.99 1.80 1.49
C ASN A 148 7.06 2.92 1.05
N ALA A 149 7.47 3.60 0.01
CA ALA A 149 6.66 4.60 -0.67
C ALA A 149 5.95 3.96 -1.84
N TRP A 150 4.75 4.45 -2.09
CA TRP A 150 3.91 4.03 -3.22
C TRP A 150 3.34 5.31 -3.83
N PHE A 151 3.90 5.75 -4.95
CA PHE A 151 3.57 7.06 -5.51
C PHE A 151 3.25 6.86 -6.98
N GLY A 152 2.03 7.22 -7.38
CA GLY A 152 1.64 6.99 -8.76
C GLY A 152 0.37 7.69 -9.14
N PRO A 153 0.05 7.62 -10.42
CA PRO A 153 -1.17 8.25 -10.91
C PRO A 153 -2.42 7.49 -10.51
N GLN A 154 -3.55 8.14 -10.73
CA GLN A 154 -4.81 7.42 -10.77
C GLN A 154 -4.69 6.19 -11.67
N GLY A 155 -5.25 5.08 -11.19
CA GLY A 155 -5.37 3.89 -11.99
C GLY A 155 -4.32 2.83 -11.77
N THR A 156 -3.32 3.06 -10.94
CA THR A 156 -2.41 1.96 -10.63
C THR A 156 -3.20 0.84 -9.97
N ILE A 157 -2.86 -0.40 -10.33
CA ILE A 157 -3.54 -1.58 -9.80
C ILE A 157 -2.48 -2.53 -9.30
N SER A 158 -2.61 -2.92 -8.05
CA SER A 158 -1.76 -3.92 -7.43
CA SER A 158 -1.76 -3.92 -7.42
C SER A 158 -2.57 -5.18 -7.25
N PRO A 159 -2.28 -6.24 -7.99
CA PRO A 159 -3.07 -7.47 -7.92
C PRO A 159 -3.10 -8.08 -6.53
N LEU A 160 -4.13 -8.89 -6.31
CA LEU A 160 -4.38 -9.54 -5.02
C LEU A 160 -3.19 -10.39 -4.60
N HIS A 161 -2.65 -10.11 -3.41
CA HIS A 161 -1.44 -10.80 -2.95
C HIS A 161 -1.41 -10.71 -1.43
N GLN A 162 -0.50 -11.48 -0.82
CA GLN A 162 -0.34 -11.44 0.64
C GLN A 162 1.13 -11.24 0.96
N ASP A 163 1.40 -10.64 2.11
CA ASP A 163 2.75 -10.33 2.57
C ASP A 163 3.04 -11.07 3.87
N PRO A 164 4.31 -11.27 4.21
CA PRO A 164 4.68 -12.10 5.37
C PRO A 164 4.82 -11.36 6.69
N GLN A 165 4.42 -10.09 6.74
CA GLN A 165 4.47 -9.31 7.97
C GLN A 165 3.17 -8.54 8.12
N GLN A 166 2.97 -7.97 9.31
CA GLN A 166 1.90 -7.01 9.52
C GLN A 166 2.17 -5.76 8.70
N ASN A 167 1.13 -4.95 8.47
CA ASN A 167 1.31 -3.72 7.71
C ASN A 167 0.38 -2.62 8.22
N PHE A 168 0.92 -1.41 8.34
CA PHE A 168 0.15 -0.19 8.40
C PHE A 168 0.39 0.56 7.10
N LEU A 169 -0.66 0.65 6.29
CA LEU A 169 -0.65 1.39 5.03
C LEU A 169 -1.27 2.77 5.28
N VAL A 170 -0.45 3.83 5.20
CA VAL A 170 -0.85 5.20 5.53
C VAL A 170 -1.10 5.94 4.21
N GLN A 171 -2.29 6.50 4.07
CA GLN A 171 -2.64 7.24 2.85
C GLN A 171 -2.34 8.72 3.04
N VAL A 172 -1.57 9.31 2.14
CA VAL A 172 -1.13 10.69 2.26
C VAL A 172 -1.80 11.59 1.22
N MET A 173 -1.76 11.18 -0.05
CA MET A 173 -2.32 11.92 -1.16
CA MET A 173 -2.33 11.93 -1.16
C MET A 173 -3.31 11.03 -1.89
N GLY A 174 -4.50 11.54 -2.20
CA GLY A 174 -5.45 10.77 -3.01
C GLY A 174 -6.08 9.63 -2.23
N ARG A 175 -6.89 8.86 -2.94
CA ARG A 175 -7.65 7.75 -2.36
C ARG A 175 -7.34 6.45 -3.08
N LYS A 176 -7.49 5.33 -2.35
CA LYS A 176 -7.34 4.00 -2.91
C LYS A 176 -8.53 3.13 -2.56
N TYR A 177 -9.01 2.36 -3.54
CA TYR A 177 -9.97 1.30 -3.32
C TYR A 177 -9.19 0.05 -2.99
N ILE A 178 -9.54 -0.58 -1.87
CA ILE A 178 -8.78 -1.71 -1.36
C ILE A 178 -9.76 -2.83 -1.03
N ARG A 179 -9.47 -4.03 -1.55
CA ARG A 179 -10.22 -5.24 -1.26
CA ARG A 179 -10.23 -5.21 -1.20
C ARG A 179 -9.34 -6.18 -0.44
N LEU A 180 -9.94 -6.81 0.58
CA LEU A 180 -9.24 -7.63 1.55
C LEU A 180 -9.91 -8.98 1.68
N TYR A 181 -9.15 -10.07 1.51
CA TYR A 181 -9.63 -11.44 1.69
C TYR A 181 -8.80 -12.11 2.78
N SER A 182 -9.48 -12.76 3.73
CA SER A 182 -8.79 -13.41 4.83
CA SER A 182 -8.77 -13.38 4.82
C SER A 182 -7.90 -14.54 4.32
N PRO A 183 -6.82 -14.87 5.04
CA PRO A 183 -6.05 -16.07 4.68
C PRO A 183 -6.89 -17.35 4.65
N GLN A 184 -8.00 -17.38 5.37
CA GLN A 184 -8.85 -18.56 5.35
C GLN A 184 -9.52 -18.77 4.00
N GLU A 185 -9.53 -17.76 3.13
CA GLU A 185 -10.14 -17.86 1.82
CA GLU A 185 -10.15 -17.87 1.82
C GLU A 185 -9.14 -18.20 0.72
N SER A 186 -7.88 -18.53 1.07
CA SER A 186 -6.84 -18.74 0.07
C SER A 186 -7.26 -19.74 -1.01
N GLY A 187 -8.02 -20.77 -0.63
CA GLY A 187 -8.44 -21.77 -1.61
C GLY A 187 -9.24 -21.20 -2.77
N ALA A 188 -10.02 -20.16 -2.51
CA ALA A 188 -10.88 -19.57 -3.53
C ALA A 188 -10.18 -18.48 -4.34
N LEU A 189 -8.90 -18.23 -4.06
CA LEU A 189 -8.15 -17.15 -4.69
C LEU A 189 -7.13 -17.65 -5.68
N TYR A 190 -6.96 -18.97 -5.79
CA TYR A 190 -6.16 -19.59 -6.83
C TYR A 190 -4.75 -18.99 -6.92
N PRO A 191 -3.94 -19.14 -5.87
CA PRO A 191 -2.56 -18.66 -5.92
C PRO A 191 -1.81 -19.28 -7.09
N HIS A 192 -0.87 -18.51 -7.63
CA HIS A 192 0.03 -19.03 -8.66
C HIS A 192 0.80 -20.22 -8.11
N ASP A 193 1.05 -21.21 -8.97
CA ASP A 193 1.67 -22.47 -8.56
C ASP A 193 3.18 -22.34 -8.36
N THR A 194 3.82 -21.33 -8.93
CA THR A 194 5.25 -21.16 -8.73
C THR A 194 5.55 -20.62 -7.34
N HIS A 195 6.72 -20.96 -6.83
CA HIS A 195 7.12 -20.47 -5.52
CA HIS A 195 7.13 -20.45 -5.53
C HIS A 195 7.27 -18.95 -5.53
N LEU A 196 7.87 -18.41 -6.60
CA LEU A 196 8.07 -16.97 -6.68
C LEU A 196 6.76 -16.21 -6.55
N LEU A 197 5.68 -16.77 -7.09
CA LEU A 197 4.40 -16.04 -7.12
C LEU A 197 3.33 -16.74 -6.31
N HIS A 198 3.69 -17.68 -5.43
CA HIS A 198 2.65 -18.38 -4.67
CA HIS A 198 2.66 -18.38 -4.66
C HIS A 198 1.92 -17.46 -3.70
N ASN A 199 2.43 -16.25 -3.45
CA ASN A 199 1.72 -15.30 -2.60
CA ASN A 199 1.71 -15.32 -2.59
C ASN A 199 0.90 -14.31 -3.41
N THR A 200 0.65 -14.59 -4.69
CA THR A 200 -0.14 -13.74 -5.57
C THR A 200 -1.27 -14.57 -6.17
N SER A 201 -2.47 -14.00 -6.21
CA SER A 201 -3.63 -14.64 -6.82
C SER A 201 -3.54 -14.60 -8.33
N GLN A 202 -4.07 -15.65 -8.98
CA GLN A 202 -4.26 -15.64 -10.42
C GLN A 202 -5.46 -14.80 -10.87
N VAL A 203 -6.32 -14.37 -9.97
CA VAL A 203 -7.60 -13.77 -10.30
C VAL A 203 -7.45 -12.27 -10.41
N ASP A 204 -8.10 -11.68 -11.42
CA ASP A 204 -8.29 -10.24 -11.52
CA ASP A 204 -8.28 -10.24 -11.51
C ASP A 204 -9.51 -9.87 -10.69
N VAL A 205 -9.28 -9.28 -9.51
CA VAL A 205 -10.33 -9.07 -8.52
C VAL A 205 -11.56 -8.38 -9.13
N GLU A 206 -11.36 -7.33 -9.93
CA GLU A 206 -12.51 -6.54 -10.37
C GLU A 206 -13.08 -7.01 -11.69
N ASN A 207 -12.50 -8.02 -12.31
CA ASN A 207 -13.05 -8.59 -13.53
C ASN A 207 -12.68 -10.08 -13.57
N PRO A 208 -13.17 -10.87 -12.62
CA PRO A 208 -12.68 -12.24 -12.48
C PRO A 208 -13.20 -13.14 -13.59
N ASP A 209 -12.36 -14.08 -14.00
CA ASP A 209 -12.81 -15.10 -14.96
C ASP A 209 -13.47 -16.20 -14.15
N LEU A 210 -14.80 -16.17 -14.06
CA LEU A 210 -15.48 -17.12 -13.20
C LEU A 210 -15.63 -18.48 -13.87
N GLU A 211 -15.36 -18.58 -15.16
CA GLU A 211 -15.34 -19.89 -15.78
CA GLU A 211 -15.33 -19.89 -15.79
C GLU A 211 -14.08 -20.65 -15.37
N LYS A 212 -12.95 -19.96 -15.28
CA LYS A 212 -11.70 -20.57 -14.83
C LYS A 212 -11.59 -20.61 -13.31
N PHE A 213 -12.16 -19.62 -12.62
CA PHE A 213 -11.98 -19.42 -11.18
C PHE A 213 -13.33 -19.32 -10.47
N PRO A 214 -14.16 -20.35 -10.56
CA PRO A 214 -15.53 -20.21 -10.07
C PRO A 214 -15.64 -19.97 -8.57
N LYS A 215 -14.70 -20.52 -7.80
CA LYS A 215 -14.77 -20.38 -6.34
C LYS A 215 -14.60 -18.95 -5.91
N PHE A 216 -14.01 -18.11 -6.75
CA PHE A 216 -13.76 -16.74 -6.35
C PHE A 216 -15.07 -15.99 -6.07
N ALA A 217 -16.14 -16.33 -6.79
CA ALA A 217 -17.34 -15.51 -6.73
C ALA A 217 -17.94 -15.47 -5.34
N LYS A 218 -17.90 -16.59 -4.63
CA LYS A 218 -18.53 -16.71 -3.33
C LYS A 218 -17.60 -16.38 -2.17
N ALA A 219 -16.35 -16.03 -2.44
CA ALA A 219 -15.43 -15.78 -1.34
C ALA A 219 -15.80 -14.46 -0.67
N PRO A 220 -16.02 -14.45 0.64
CA PRO A 220 -16.30 -13.19 1.32
C PRO A 220 -15.07 -12.30 1.43
N PHE A 221 -15.33 -10.99 1.56
CA PHE A 221 -14.25 -10.03 1.63
C PHE A 221 -14.71 -8.77 2.37
N LEU A 222 -13.74 -7.93 2.70
CA LEU A 222 -13.96 -6.56 3.15
C LEU A 222 -13.43 -5.60 2.10
N SER A 223 -13.93 -4.37 2.10
CA SER A 223 -13.38 -3.36 1.22
C SER A 223 -13.50 -2.00 1.85
N CYS A 224 -12.72 -1.07 1.32
CA CYS A 224 -12.77 0.31 1.78
CA CYS A 224 -12.79 0.31 1.78
C CYS A 224 -12.26 1.22 0.68
N ILE A 225 -12.55 2.51 0.84
CA ILE A 225 -11.83 3.56 0.13
C ILE A 225 -11.00 4.24 1.20
N LEU A 226 -9.67 4.14 1.07
CA LEU A 226 -8.75 4.70 2.03
C LEU A 226 -8.41 6.11 1.60
N SER A 227 -8.67 7.08 2.49
CA SER A 227 -8.50 8.49 2.18
C SER A 227 -7.32 9.11 2.94
N PRO A 228 -6.86 10.28 2.49
CA PRO A 228 -5.73 10.93 3.17
C PRO A 228 -5.91 11.05 4.68
N GLY A 229 -4.84 10.77 5.40
CA GLY A 229 -4.82 10.84 6.84
C GLY A 229 -5.21 9.56 7.54
N GLU A 230 -5.69 8.56 6.81
CA GLU A 230 -6.15 7.29 7.36
C GLU A 230 -5.06 6.23 7.27
N ILE A 231 -5.06 5.30 8.22
CA ILE A 231 -4.15 4.16 8.24
C ILE A 231 -4.96 2.89 8.11
N LEU A 232 -4.63 2.03 7.16
CA LEU A 232 -5.22 0.70 7.09
C LEU A 232 -4.27 -0.31 7.72
N PHE A 233 -4.76 -1.04 8.70
CA PHE A 233 -4.06 -2.19 9.22
C PHE A 233 -4.38 -3.40 8.37
N ILE A 234 -3.37 -3.97 7.72
CA ILE A 234 -3.48 -5.20 6.95
C ILE A 234 -2.78 -6.30 7.73
N PRO A 235 -3.54 -7.19 8.39
CA PRO A 235 -2.91 -8.26 9.17
C PRO A 235 -2.00 -9.11 8.34
N VAL A 236 -0.99 -9.69 9.00
CA VAL A 236 -0.06 -10.56 8.34
C VAL A 236 -0.80 -11.64 7.54
N LYS A 237 -0.40 -11.79 6.28
CA LYS A 237 -0.89 -12.75 5.31
CA LYS A 237 -0.89 -12.76 5.31
C LYS A 237 -2.31 -12.46 4.82
N TYR A 238 -2.94 -11.37 5.23
CA TYR A 238 -4.22 -11.00 4.64
C TYR A 238 -4.02 -10.64 3.17
N TRP A 239 -4.87 -11.19 2.31
CA TRP A 239 -4.79 -10.88 0.89
C TRP A 239 -5.34 -9.49 0.66
N HIS A 240 -4.61 -8.69 -0.13
CA HIS A 240 -5.03 -7.32 -0.41
C HIS A 240 -4.79 -6.98 -1.87
N TYR A 241 -5.71 -6.18 -2.39
CA TYR A 241 -5.77 -5.67 -3.76
C TYR A 241 -5.99 -4.18 -3.66
N VAL A 242 -5.27 -3.39 -4.48
CA VAL A 242 -5.21 -1.93 -4.30
C VAL A 242 -5.31 -1.24 -5.65
N ARG A 243 -6.29 -0.34 -5.81
CA ARG A 243 -6.40 0.50 -7.00
C ARG A 243 -6.44 1.98 -6.61
N ALA A 244 -5.54 2.78 -7.15
CA ALA A 244 -5.56 4.21 -6.87
C ALA A 244 -6.71 4.88 -7.63
N LEU A 245 -7.50 5.69 -6.93
CA LEU A 245 -8.63 6.40 -7.53
C LEU A 245 -8.28 7.80 -8.00
N ASP A 246 -7.16 8.33 -7.51
CA ASP A 246 -6.65 9.65 -7.81
C ASP A 246 -5.13 9.55 -7.88
N LEU A 247 -4.48 10.62 -8.31
CA LEU A 247 -3.06 10.78 -8.00
C LEU A 247 -2.83 10.46 -6.52
N SER A 248 -1.91 9.53 -6.24
CA SER A 248 -1.84 8.93 -4.92
C SER A 248 -0.41 8.80 -4.42
N PHE A 249 -0.29 8.97 -3.10
CA PHE A 249 0.96 8.68 -2.38
C PHE A 249 0.57 7.98 -1.10
N SER A 250 1.12 6.78 -0.89
CA SER A 250 0.92 5.99 0.33
C SER A 250 2.28 5.61 0.89
N VAL A 251 2.32 5.34 2.20
CA VAL A 251 3.52 4.91 2.91
C VAL A 251 3.13 3.67 3.71
N SER A 252 3.79 2.54 3.43
CA SER A 252 3.53 1.31 4.16
C SER A 252 4.65 1.05 5.16
N PHE A 253 4.27 0.48 6.29
CA PHE A 253 5.16 0.08 7.38
C PHE A 253 4.96 -1.42 7.56
N TRP A 254 5.96 -2.20 7.14
CA TRP A 254 5.95 -3.64 7.29
C TRP A 254 6.68 -4.00 8.58
N TRP A 255 5.98 -4.67 9.49
CA TRP A 255 6.49 -4.85 10.85
C TRP A 255 6.02 -6.17 11.40
N SER A 256 6.70 -6.63 12.46
CA SER A 256 6.37 -7.90 13.09
CA SER A 256 6.33 -7.90 13.09
C SER A 256 6.45 -7.75 14.59
#